data_2VJ0
#
_entry.id   2VJ0
#
_cell.length_a   144.508
_cell.length_b   66.980
_cell.length_c   39.730
_cell.angle_alpha   90.00
_cell.angle_beta   94.92
_cell.angle_gamma   90.00
#
_symmetry.space_group_name_H-M   'C 1 2 1'
#
loop_
_entity.id
_entity.type
_entity.pdbx_description
1 polymer 'AP-2 COMPLEX SUBUNIT ALPHA-2'
2 polymer SYNAPTOJANIN-1
3 polymer AMPHIPHYSIN
4 non-polymer BENZAMIDINE
5 non-polymer 'DITHIANE DIOL'
6 non-polymer 'SULFATE ION'
7 non-polymer 'CHLORIDE ION'
8 water water
#
loop_
_entity_poly.entity_id
_entity_poly.type
_entity_poly.pdbx_seq_one_letter_code
_entity_poly.pdbx_strand_id
1 'polypeptide(L)'
;GSPGILAPLAPGSEDNFARFVCKNNGVLFENQLLQIGLKSEFRQNLGRMFIFYGNKTSTQFLNFTPTLICADDLQTNLNL
QTKPVDPTVDGGAQVQQVINIECISDFTEAPVLNIQFRYGGTFQNVSVKLPITLNKFFQPTEMASQDFFQRWKQLSNPQQ
EVQNIFKAKHPMDTEITKAKIIGFGSALLEEVDPNPANFVGAGIIHTKTTQIGCLLRLEPNLQAQMYRLTLRTSKDTVSQ
RLCELLSEQF
;
A
2 'polypeptide(L)' NPKGWVTFEEEE P
3 'polypeptide(L)' FEDNFVP Q
#
# COMPACT_ATOMS: atom_id res chain seq x y z
N ILE A 5 21.80 -2.70 -16.13
CA ILE A 5 20.44 -2.29 -16.61
C ILE A 5 19.37 -2.86 -15.68
N LEU A 6 18.18 -2.28 -15.72
CA LEU A 6 17.07 -2.68 -14.86
C LEU A 6 15.88 -3.14 -15.68
N ALA A 7 15.26 -4.24 -15.29
CA ALA A 7 14.09 -4.73 -15.99
C ALA A 7 12.96 -3.71 -15.81
N PRO A 8 12.10 -3.57 -16.82
CA PRO A 8 10.91 -2.75 -16.61
C PRO A 8 9.98 -3.47 -15.64
N LEU A 9 9.05 -2.74 -15.05
CA LEU A 9 8.15 -3.37 -14.10
C LEU A 9 7.47 -4.59 -14.68
N ALA A 10 7.51 -5.69 -13.94
CA ALA A 10 6.99 -6.97 -14.41
C ALA A 10 5.51 -6.86 -14.75
N PRO A 11 5.04 -7.65 -15.73
CA PRO A 11 3.61 -7.64 -16.02
C PRO A 11 2.85 -8.02 -14.75
N GLY A 12 1.79 -7.28 -14.47
CA GLY A 12 1.02 -7.46 -13.23
C GLY A 12 1.58 -6.76 -12.00
N SER A 13 2.69 -6.02 -12.13
CA SER A 13 3.28 -5.31 -10.98
C SER A 13 2.26 -4.37 -10.33
N GLU A 14 1.56 -3.60 -11.16
CA GLU A 14 0.68 -2.57 -10.64
C GLU A 14 -0.59 -3.15 -10.02
N ASP A 15 -1.19 -4.11 -10.71
CA ASP A 15 -2.31 -4.85 -10.14
C ASP A 15 -1.97 -5.49 -8.80
N ASN A 16 -0.80 -6.14 -8.74
CA ASN A 16 -0.42 -6.82 -7.51
CA ASN A 16 -0.35 -6.82 -7.52
C ASN A 16 -0.07 -5.85 -6.38
N PHE A 17 0.58 -4.75 -6.71
CA PHE A 17 0.89 -3.71 -5.76
C PHE A 17 -0.37 -3.29 -5.02
N ALA A 18 -1.45 -3.18 -5.78
CA ALA A 18 -2.74 -2.72 -5.24
C ALA A 18 -3.33 -3.66 -4.19
N ARG A 19 -2.95 -4.94 -4.23
CA ARG A 19 -3.37 -5.95 -3.24
C ARG A 19 -2.61 -5.90 -1.90
N PHE A 20 -1.59 -5.07 -1.83
CA PHE A 20 -0.77 -4.93 -0.65
C PHE A 20 -0.97 -3.57 0.01
N VAL A 21 -2.04 -2.87 -0.36
CA VAL A 21 -2.33 -1.54 0.20
C VAL A 21 -3.09 -1.68 1.50
N CYS A 22 -4.11 -2.53 1.54
CA CYS A 22 -4.91 -2.76 2.75
C CYS A 22 -4.58 -4.03 3.52
N LYS A 23 -3.57 -4.76 3.05
CA LYS A 23 -3.04 -5.92 3.77
C LYS A 23 -1.53 -5.96 3.63
N ASN A 24 -0.89 -6.78 4.46
CA ASN A 24 0.57 -6.82 4.56
C ASN A 24 1.21 -8.12 4.08
N ASN A 25 0.42 -9.18 3.97
CA ASN A 25 0.93 -10.53 3.72
C ASN A 25 0.50 -10.97 2.32
N GLY A 26 1.43 -11.54 1.57
CA GLY A 26 1.09 -12.11 0.27
C GLY A 26 2.29 -12.37 -0.62
N VAL A 27 2.01 -12.93 -1.79
CA VAL A 27 3.01 -13.13 -2.80
C VAL A 27 3.06 -11.88 -3.68
N LEU A 28 4.21 -11.24 -3.71
CA LEU A 28 4.39 -10.03 -4.50
C LEU A 28 4.71 -10.35 -5.97
N PHE A 29 5.43 -11.43 -6.19
CA PHE A 29 5.89 -11.79 -7.53
C PHE A 29 6.11 -13.29 -7.60
N GLU A 30 5.70 -13.91 -8.69
CA GLU A 30 6.06 -15.29 -8.89
C GLU A 30 6.08 -15.63 -10.38
N ASN A 31 7.16 -16.27 -10.78
CA ASN A 31 7.25 -16.84 -12.12
C ASN A 31 7.74 -18.27 -11.98
N GLN A 32 8.25 -18.84 -13.09
CA GLN A 32 8.65 -20.23 -13.05
C GLN A 32 9.89 -20.48 -12.18
N LEU A 33 10.70 -19.44 -11.92
CA LEU A 33 11.98 -19.59 -11.23
C LEU A 33 11.96 -19.16 -9.77
N LEU A 34 11.18 -18.13 -9.49
CA LEU A 34 11.30 -17.37 -8.26
C LEU A 34 9.94 -16.97 -7.69
N GLN A 35 9.79 -17.12 -6.38
CA GLN A 35 8.63 -16.58 -5.67
C GLN A 35 9.13 -15.53 -4.69
N ILE A 36 8.54 -14.33 -4.75
CA ILE A 36 8.85 -13.30 -3.77
C ILE A 36 7.63 -13.07 -2.92
N GLY A 37 7.76 -13.30 -1.61
CA GLY A 37 6.66 -13.13 -0.68
C GLY A 37 6.98 -12.03 0.32
N LEU A 38 5.93 -11.37 0.84
CA LEU A 38 6.09 -10.30 1.85
C LEU A 38 5.26 -10.60 3.10
N LYS A 39 5.81 -10.28 4.28
CA LYS A 39 5.04 -10.12 5.52
C LYS A 39 5.52 -8.88 6.23
N SER A 40 4.64 -7.97 6.53
CA SER A 40 5.02 -6.74 7.21
CA SER A 40 5.04 -6.76 7.23
C SER A 40 4.13 -6.38 8.37
N GLU A 41 4.63 -5.46 9.18
CA GLU A 41 3.88 -4.85 10.27
C GLU A 41 4.35 -3.40 10.40
N PHE A 42 3.44 -2.55 10.86
CA PHE A 42 3.70 -1.14 11.03
C PHE A 42 3.13 -0.66 12.35
N ARG A 43 3.81 0.32 12.92
CA ARG A 43 3.37 0.96 14.16
C ARG A 43 3.86 2.40 14.10
N GLN A 44 2.98 3.35 14.36
CA GLN A 44 3.31 4.78 14.27
C GLN A 44 3.99 5.05 12.92
N ASN A 45 5.19 5.64 12.90
CA ASN A 45 5.85 5.99 11.66
C ASN A 45 6.87 4.94 11.22
N LEU A 46 6.80 3.76 11.81
CA LEU A 46 7.79 2.70 11.58
C LEU A 46 7.17 1.47 10.98
N GLY A 47 8.01 0.66 10.33
CA GLY A 47 7.56 -0.63 9.86
C GLY A 47 8.68 -1.65 9.83
N ARG A 48 8.30 -2.91 9.72
CA ARG A 48 9.26 -4.01 9.54
C ARG A 48 8.68 -4.93 8.48
N MET A 49 9.43 -5.11 7.39
CA MET A 49 9.00 -5.93 6.27
C MET A 49 9.97 -7.07 6.05
N PHE A 50 9.44 -8.28 6.00
CA PHE A 50 10.18 -9.45 5.64
C PHE A 50 9.92 -9.72 4.17
N ILE A 51 11.02 -9.85 3.42
CA ILE A 51 10.96 -10.21 2.01
C ILE A 51 11.59 -11.59 1.89
N PHE A 52 10.84 -12.52 1.31
CA PHE A 52 11.26 -13.91 1.17
C PHE A 52 11.44 -14.20 -0.30
N TYR A 53 12.54 -14.87 -0.62
CA TYR A 53 12.85 -15.22 -2.02
C TYR A 53 12.97 -16.74 -2.12
N GLY A 54 12.09 -17.36 -2.87
CA GLY A 54 12.09 -18.81 -3.01
C GLY A 54 12.55 -19.23 -4.39
N ASN A 55 13.59 -20.07 -4.42
CA ASN A 55 14.12 -20.66 -5.64
C ASN A 55 13.29 -21.90 -5.97
N LYS A 56 12.46 -21.79 -7.01
CA LYS A 56 11.51 -22.85 -7.37
C LYS A 56 12.16 -23.94 -8.22
N THR A 57 13.46 -23.81 -8.45
CA THR A 57 14.18 -24.71 -9.36
C THR A 57 15.15 -25.60 -8.60
N SER A 58 15.77 -26.52 -9.35
CA SER A 58 16.80 -27.39 -8.79
C SER A 58 18.21 -26.87 -9.01
N THR A 59 18.33 -25.66 -9.56
CA THR A 59 19.61 -25.04 -9.83
C THR A 59 19.85 -23.85 -8.90
N GLN A 60 21.09 -23.71 -8.43
CA GLN A 60 21.49 -22.55 -7.63
C GLN A 60 21.27 -21.25 -8.39
N PHE A 61 20.88 -20.19 -7.67
CA PHE A 61 21.01 -18.82 -8.18
C PHE A 61 22.31 -18.29 -7.64
N LEU A 62 23.13 -17.72 -8.52
CA LEU A 62 24.39 -17.09 -8.13
C LEU A 62 24.34 -15.59 -8.32
N ASN A 63 25.18 -14.87 -7.59
CA ASN A 63 25.19 -13.41 -7.61
C ASN A 63 23.79 -12.87 -7.40
N PHE A 64 23.03 -13.54 -6.53
CA PHE A 64 21.65 -13.13 -6.22
C PHE A 64 21.66 -11.80 -5.46
N THR A 65 21.11 -10.78 -6.11
CA THR A 65 21.28 -9.39 -5.69
C THR A 65 19.94 -8.64 -5.75
N PRO A 66 19.20 -8.63 -4.62
CA PRO A 66 18.03 -7.76 -4.47
C PRO A 66 18.45 -6.40 -4.02
N THR A 67 17.91 -5.37 -4.67
CA THR A 67 18.21 -3.98 -4.40
CA THR A 67 18.20 -4.01 -4.30
C THR A 67 16.92 -3.20 -4.24
N LEU A 68 16.84 -2.36 -3.21
CA LEU A 68 15.72 -1.46 -2.99
C LEU A 68 16.09 -0.13 -3.60
N ILE A 69 15.34 0.31 -4.61
CA ILE A 69 15.68 1.51 -5.37
C ILE A 69 14.64 2.59 -5.13
N CYS A 70 15.10 3.73 -4.63
CA CYS A 70 14.22 4.84 -4.25
C CYS A 70 14.64 6.12 -4.96
N ALA A 71 13.69 6.83 -5.56
CA ALA A 71 13.92 8.15 -6.14
C ALA A 71 14.46 9.11 -5.09
N ASP A 72 15.07 10.20 -5.54
CA ASP A 72 15.77 11.11 -4.62
C ASP A 72 14.84 11.68 -3.56
N ASP A 73 13.66 12.13 -4.00
CA ASP A 73 12.68 12.70 -3.07
C ASP A 73 12.22 11.65 -2.07
N LEU A 74 11.93 10.46 -2.58
CA LEU A 74 11.52 9.36 -1.71
C LEU A 74 12.53 9.09 -0.59
N GLN A 75 13.82 9.05 -0.92
CA GLN A 75 14.85 8.81 0.08
C GLN A 75 14.82 9.83 1.22
N THR A 76 14.49 11.08 0.91
CA THR A 76 14.40 12.10 1.97
C THR A 76 13.18 11.88 2.85
N ASN A 77 12.14 11.25 2.30
CA ASN A 77 10.88 11.06 3.02
C ASN A 77 10.75 9.70 3.72
N LEU A 78 11.56 8.74 3.29
CA LEU A 78 11.39 7.34 3.71
C LEU A 78 12.74 6.64 3.84
N ASN A 79 13.09 6.21 5.05
CA ASN A 79 14.37 5.55 5.30
C ASN A 79 14.19 4.05 5.34
N LEU A 80 14.90 3.35 4.46
CA LEU A 80 14.86 1.89 4.42
C LEU A 80 16.22 1.37 4.83
N GLN A 81 16.24 0.48 5.82
CA GLN A 81 17.49 -0.13 6.26
C GLN A 81 17.40 -1.64 6.15
N THR A 82 18.41 -2.25 5.53
CA THR A 82 18.42 -3.69 5.38
C THR A 82 19.88 -4.15 5.31
N LYS A 83 20.10 -5.45 5.46
CA LYS A 83 21.46 -6.02 5.50
C LYS A 83 21.74 -6.81 4.23
N PRO A 84 23.05 -7.05 3.94
CA PRO A 84 23.44 -7.94 2.85
C PRO A 84 22.70 -9.30 2.86
N VAL A 85 22.25 -9.74 1.69
CA VAL A 85 21.66 -11.06 1.53
C VAL A 85 22.71 -11.92 0.83
N ASP A 86 22.92 -13.14 1.30
CA ASP A 86 23.96 -13.99 0.72
C ASP A 86 23.65 -14.17 -0.77
N PRO A 87 24.66 -14.02 -1.66
CA PRO A 87 24.42 -14.09 -3.10
C PRO A 87 24.20 -15.47 -3.71
N THR A 88 24.27 -16.52 -2.91
CA THR A 88 23.98 -17.84 -3.42
C THR A 88 22.66 -18.32 -2.84
N VAL A 89 21.75 -18.74 -3.71
CA VAL A 89 20.48 -19.33 -3.28
C VAL A 89 20.37 -20.72 -3.86
N ASP A 90 20.45 -21.72 -2.99
CA ASP A 90 20.39 -23.13 -3.42
C ASP A 90 19.05 -23.46 -4.08
N GLY A 91 19.06 -24.43 -4.98
CA GLY A 91 17.84 -24.89 -5.57
C GLY A 91 16.90 -25.36 -4.47
N GLY A 92 15.64 -24.96 -4.56
CA GLY A 92 14.63 -25.31 -3.56
C GLY A 92 14.72 -24.56 -2.25
N ALA A 93 15.70 -23.66 -2.11
CA ALA A 93 15.86 -22.90 -0.86
C ALA A 93 15.03 -21.61 -0.91
N GLN A 94 14.61 -21.17 0.27
CA GLN A 94 14.01 -19.85 0.44
C GLN A 94 14.88 -19.07 1.41
N VAL A 95 15.25 -17.88 0.97
CA VAL A 95 16.07 -16.99 1.77
C VAL A 95 15.26 -15.71 2.03
N GLN A 96 15.79 -14.84 2.88
CA GLN A 96 15.03 -13.66 3.27
C GLN A 96 15.88 -12.51 3.74
N GLN A 97 15.28 -11.33 3.75
CA GLN A 97 15.86 -10.16 4.37
C GLN A 97 14.80 -9.41 5.14
N VAL A 98 15.25 -8.66 6.13
CA VAL A 98 14.37 -7.80 6.91
C VAL A 98 14.68 -6.36 6.50
N ILE A 99 13.61 -5.61 6.22
CA ILE A 99 13.73 -4.20 5.88
C ILE A 99 13.07 -3.43 7.01
N ASN A 100 13.89 -2.67 7.72
CA ASN A 100 13.37 -1.77 8.74
C ASN A 100 13.09 -0.43 8.11
N ILE A 101 11.90 0.09 8.39
CA ILE A 101 11.30 1.20 7.66
C ILE A 101 11.02 2.35 8.63
N GLU A 102 11.40 3.56 8.22
CA GLU A 102 11.12 4.75 9.03
C GLU A 102 10.56 5.83 8.11
N CYS A 103 9.32 6.22 8.37
CA CYS A 103 8.71 7.30 7.58
C CYS A 103 9.09 8.64 8.21
N ILE A 104 9.80 9.46 7.43
CA ILE A 104 10.30 10.76 7.88
C ILE A 104 9.26 11.84 7.61
N SER A 105 8.67 11.79 6.43
CA SER A 105 7.62 12.72 6.04
CA SER A 105 7.59 12.70 6.08
C SER A 105 6.69 12.06 5.03
N ASP A 106 5.60 12.73 4.70
CA ASP A 106 4.67 12.18 3.73
C ASP A 106 5.35 11.94 2.37
N PHE A 107 4.95 10.87 1.70
CA PHE A 107 5.58 10.45 0.45
C PHE A 107 4.56 9.83 -0.49
N THR A 108 4.84 9.96 -1.78
CA THR A 108 3.95 9.62 -2.88
CA THR A 108 3.91 9.56 -2.83
C THR A 108 4.50 8.51 -3.76
N GLU A 109 5.82 8.44 -3.89
CA GLU A 109 6.43 7.41 -4.71
C GLU A 109 6.59 6.11 -3.92
N ALA A 110 6.79 5.01 -4.64
CA ALA A 110 7.06 3.72 -4.01
C ALA A 110 8.46 3.25 -4.37
N PRO A 111 9.09 2.51 -3.46
CA PRO A 111 10.38 1.90 -3.82
C PRO A 111 10.19 0.86 -4.89
N VAL A 112 11.24 0.56 -5.65
CA VAL A 112 11.24 -0.53 -6.59
C VAL A 112 12.19 -1.59 -6.05
N LEU A 113 11.72 -2.83 -6.02
CA LEU A 113 12.59 -3.96 -5.68
C LEU A 113 13.10 -4.54 -7.01
N ASN A 114 14.40 -4.48 -7.21
CA ASN A 114 15.02 -5.09 -8.38
C ASN A 114 15.82 -6.31 -7.93
N ILE A 115 15.63 -7.42 -8.64
CA ILE A 115 16.33 -8.66 -8.31
C ILE A 115 17.05 -9.14 -9.54
N GLN A 116 18.35 -9.38 -9.40
CA GLN A 116 19.17 -9.90 -10.49
C GLN A 116 19.95 -11.10 -9.98
N PHE A 117 20.15 -12.09 -10.85
CA PHE A 117 20.90 -13.27 -10.48
C PHE A 117 21.29 -14.04 -11.73
N ARG A 118 22.28 -14.92 -11.60
CA ARG A 118 22.56 -15.89 -12.64
C ARG A 118 21.80 -17.17 -12.36
N TYR A 119 21.26 -17.76 -13.42
CA TYR A 119 20.57 -19.04 -13.34
C TYR A 119 21.11 -19.92 -14.46
N GLY A 120 22.02 -20.82 -14.13
CA GLY A 120 22.70 -21.60 -15.18
C GLY A 120 23.46 -20.61 -16.03
N GLY A 121 23.30 -20.69 -17.35
CA GLY A 121 23.96 -19.76 -18.25
C GLY A 121 23.16 -18.49 -18.53
N THR A 122 22.05 -18.29 -17.81
CA THR A 122 21.18 -17.16 -18.07
C THR A 122 21.38 -16.07 -17.02
N PHE A 123 20.96 -14.86 -17.40
CA PHE A 123 20.91 -13.71 -16.49
C PHE A 123 19.46 -13.28 -16.30
N GLN A 124 19.06 -13.10 -15.05
CA GLN A 124 17.68 -12.78 -14.73
C GLN A 124 17.63 -11.41 -14.08
N ASN A 125 16.53 -10.69 -14.33
CA ASN A 125 16.40 -9.30 -13.92
C ASN A 125 14.91 -9.05 -13.78
N VAL A 126 14.49 -8.78 -12.54
CA VAL A 126 13.06 -8.60 -12.26
C VAL A 126 12.94 -7.33 -11.46
N SER A 127 11.93 -6.52 -11.79
CA SER A 127 11.63 -5.28 -11.11
C SER A 127 10.15 -5.22 -10.74
N VAL A 128 9.88 -4.97 -9.46
CA VAL A 128 8.49 -4.83 -9.02
C VAL A 128 8.40 -3.68 -8.04
N LYS A 129 7.27 -2.99 -8.06
CA LYS A 129 7.00 -1.94 -7.10
C LYS A 129 6.79 -2.56 -5.72
N LEU A 130 7.45 -2.01 -4.72
CA LEU A 130 7.37 -2.52 -3.36
C LEU A 130 6.29 -1.74 -2.58
N PRO A 131 5.31 -2.47 -1.99
CA PRO A 131 4.14 -1.83 -1.37
C PRO A 131 4.41 -1.25 0.00
N ILE A 132 5.28 -0.26 0.02
CA ILE A 132 5.41 0.61 1.20
C ILE A 132 4.71 1.89 0.78
N THR A 133 3.54 2.13 1.37
CA THR A 133 2.67 3.23 0.94
C THR A 133 2.29 4.07 2.12
N LEU A 134 1.86 5.30 1.84
CA LEU A 134 1.64 6.27 2.90
C LEU A 134 0.64 5.78 3.94
N ASN A 135 -0.38 5.04 3.49
CA ASN A 135 -1.42 4.57 4.40
C ASN A 135 -0.92 3.52 5.38
N LYS A 136 0.26 2.94 5.17
CA LYS A 136 0.82 2.04 6.17
C LYS A 136 1.12 2.76 7.48
N PHE A 137 1.19 4.09 7.41
CA PHE A 137 1.44 4.94 8.58
C PHE A 137 0.16 5.67 9.04
N PHE A 138 -0.97 5.20 8.51
CA PHE A 138 -2.31 5.76 8.72
C PHE A 138 -2.96 4.96 9.78
N GLN A 139 -3.35 5.62 10.88
CA GLN A 139 -3.95 4.93 12.01
C GLN A 139 -5.28 5.56 12.35
N PRO A 140 -6.21 4.74 12.82
CA PRO A 140 -7.57 5.17 12.95
C PRO A 140 -7.82 6.19 14.03
N THR A 141 -8.77 7.10 13.74
CA THR A 141 -9.23 8.09 14.70
C THR A 141 -10.74 7.99 14.89
N GLU A 142 -11.15 7.46 16.03
CA GLU A 142 -12.58 7.41 16.36
C GLU A 142 -13.03 8.80 16.78
N MET A 143 -14.20 9.21 16.31
CA MET A 143 -14.75 10.48 16.72
C MET A 143 -16.24 10.51 16.47
N ALA A 144 -16.90 11.40 17.19
CA ALA A 144 -18.35 11.54 17.06
C ALA A 144 -18.69 12.33 15.80
N SER A 145 -19.93 12.20 15.35
CA SER A 145 -20.42 12.86 14.15
C SER A 145 -20.17 14.37 14.17
N GLN A 146 -20.46 14.97 15.32
CA GLN A 146 -20.33 16.42 15.49
C GLN A 146 -18.88 16.88 15.23
N ASP A 147 -17.93 16.13 15.78
CA ASP A 147 -16.52 16.43 15.60
C ASP A 147 -16.08 16.19 14.17
N PHE A 148 -16.61 15.12 13.55
CA PHE A 148 -16.27 14.85 12.16
C PHE A 148 -16.65 16.03 11.30
N PHE A 149 -17.89 16.49 11.44
CA PHE A 149 -18.36 17.57 10.58
C PHE A 149 -17.64 18.88 10.82
N GLN A 150 -17.29 19.16 12.07
CA GLN A 150 -16.41 20.27 12.39
C GLN A 150 -15.09 20.20 11.62
N ARG A 151 -14.47 19.03 11.68
CA ARG A 151 -13.17 18.84 11.03
C ARG A 151 -13.28 18.87 9.52
N TRP A 152 -14.37 18.32 8.99
CA TRP A 152 -14.60 18.32 7.54
C TRP A 152 -14.69 19.77 7.04
N LYS A 153 -15.46 20.58 7.77
CA LYS A 153 -15.63 21.98 7.43
C LYS A 153 -14.36 22.82 7.60
N GLN A 154 -13.46 22.39 8.46
CA GLN A 154 -12.15 23.06 8.60
C GLN A 154 -11.20 22.73 7.45
N LEU A 155 -11.59 21.80 6.58
CA LEU A 155 -10.75 21.42 5.46
C LEU A 155 -11.48 21.79 4.16
N SER A 156 -11.84 23.07 4.06
CA SER A 156 -12.69 23.56 2.98
C SER A 156 -11.94 24.26 1.84
N ASN A 157 -10.62 24.36 1.94
CA ASN A 157 -9.81 24.92 0.85
C ASN A 157 -9.89 23.99 -0.36
N PRO A 158 -10.04 24.55 -1.57
CA PRO A 158 -10.22 23.67 -2.73
C PRO A 158 -9.18 22.56 -2.88
N GLN A 159 -7.91 22.89 -2.65
CA GLN A 159 -6.82 21.95 -2.89
C GLN A 159 -6.73 20.84 -1.83
N GLN A 160 -7.46 20.99 -0.72
CA GLN A 160 -7.45 19.98 0.35
C GLN A 160 -8.35 18.80 0.07
N GLU A 161 -9.26 18.98 -0.90
CA GLU A 161 -10.19 17.91 -1.27
C GLU A 161 -9.78 17.31 -2.59
N VAL A 162 -9.71 15.99 -2.63
CA VAL A 162 -9.52 15.26 -3.88
C VAL A 162 -10.62 14.23 -3.95
N GLN A 163 -11.21 14.14 -5.14
CA GLN A 163 -12.25 13.15 -5.42
C GLN A 163 -11.92 12.28 -6.62
N ASN A 164 -12.49 11.08 -6.60
CA ASN A 164 -12.43 10.19 -7.73
C ASN A 164 -13.78 9.52 -7.88
N ILE A 165 -14.13 9.22 -9.12
CA ILE A 165 -15.31 8.44 -9.45
C ILE A 165 -14.81 7.24 -10.26
N PHE A 166 -15.19 6.05 -9.87
CA PHE A 166 -14.63 4.86 -10.50
C PHE A 166 -15.59 3.69 -10.52
N LYS A 167 -15.40 2.82 -11.50
CA LYS A 167 -16.16 1.57 -11.60
C LYS A 167 -15.70 0.60 -10.51
N ALA A 168 -16.64 -0.07 -9.86
CA ALA A 168 -16.30 -1.09 -8.88
C ALA A 168 -15.59 -2.25 -9.57
N LYS A 169 -14.38 -2.58 -9.09
CA LYS A 169 -13.66 -3.78 -9.55
C LYS A 169 -14.19 -5.04 -8.90
N HIS A 170 -14.80 -4.86 -7.73
CA HIS A 170 -15.28 -5.96 -6.91
C HIS A 170 -16.74 -5.79 -6.57
N PRO A 171 -17.40 -6.89 -6.18
CA PRO A 171 -18.76 -6.78 -5.70
C PRO A 171 -18.83 -5.71 -4.63
N MET A 172 -19.91 -4.93 -4.63
CA MET A 172 -20.07 -3.86 -3.69
C MET A 172 -20.69 -4.45 -2.43
N ASP A 173 -19.82 -5.17 -1.73
CA ASP A 173 -20.17 -6.03 -0.60
C ASP A 173 -19.91 -5.18 0.64
N THR A 174 -20.98 -4.78 1.31
CA THR A 174 -20.92 -3.83 2.43
C THR A 174 -19.89 -4.25 3.51
N GLU A 175 -19.91 -5.50 3.91
CA GLU A 175 -19.02 -5.93 4.97
C GLU A 175 -17.55 -5.97 4.54
N ILE A 176 -17.30 -6.38 3.32
CA ILE A 176 -15.92 -6.39 2.80
C ILE A 176 -15.40 -4.95 2.65
N THR A 177 -16.27 -4.05 2.18
CA THR A 177 -15.89 -2.63 2.05
C THR A 177 -15.46 -2.07 3.40
N LYS A 178 -16.23 -2.37 4.44
CA LYS A 178 -15.92 -1.91 5.78
C LYS A 178 -14.56 -2.42 6.19
N ALA A 179 -14.31 -3.70 5.93
CA ALA A 179 -13.04 -4.33 6.26
C ALA A 179 -11.88 -3.72 5.50
N LYS A 180 -12.08 -3.36 4.23
CA LYS A 180 -11.02 -2.75 3.45
C LYS A 180 -10.67 -1.35 3.96
N ILE A 181 -11.69 -0.58 4.35
CA ILE A 181 -11.46 0.76 4.89
C ILE A 181 -10.65 0.66 6.18
N ILE A 182 -11.02 -0.27 7.05
CA ILE A 182 -10.27 -0.52 8.28
C ILE A 182 -8.83 -0.97 8.00
N GLY A 183 -8.68 -1.87 7.05
CA GLY A 183 -7.36 -2.36 6.62
C GLY A 183 -6.50 -1.28 6.01
N PHE A 184 -7.13 -0.27 5.42
CA PHE A 184 -6.44 0.92 4.87
C PHE A 184 -5.78 1.73 5.97
N GLY A 185 -6.37 1.66 7.18
CA GLY A 185 -5.85 2.40 8.33
C GLY A 185 -6.81 3.42 8.91
N SER A 186 -7.97 3.54 8.28
CA SER A 186 -9.03 4.47 8.73
C SER A 186 -9.91 3.88 9.83
N ALA A 187 -10.41 4.73 10.71
CA ALA A 187 -11.57 4.35 11.50
C ALA A 187 -12.78 4.32 10.59
N LEU A 188 -13.77 3.50 10.91
CA LEU A 188 -15.02 3.44 10.19
C LEU A 188 -16.06 4.06 11.11
N LEU A 189 -16.53 5.24 10.77
CA LEU A 189 -17.44 6.01 11.61
C LEU A 189 -18.89 5.78 11.21
N GLU A 190 -19.66 5.16 12.10
CA GLU A 190 -21.07 4.86 11.84
C GLU A 190 -21.98 6.06 12.14
N GLU A 191 -23.05 6.19 11.36
CA GLU A 191 -24.05 7.24 11.56
C GLU A 191 -23.48 8.65 11.52
N VAL A 192 -22.56 8.88 10.60
CA VAL A 192 -22.10 10.22 10.33
C VAL A 192 -22.80 10.75 9.08
N ASP A 193 -22.62 10.06 7.95
CA ASP A 193 -23.42 10.35 6.78
C ASP A 193 -24.81 9.80 7.03
N PRO A 194 -25.85 10.63 6.92
CA PRO A 194 -27.19 10.16 7.22
C PRO A 194 -27.69 9.10 6.25
N ASN A 195 -27.03 8.97 5.09
CA ASN A 195 -27.33 7.88 4.17
C ASN A 195 -26.56 6.64 4.62
N PRO A 196 -27.27 5.58 5.06
CA PRO A 196 -26.56 4.42 5.62
C PRO A 196 -25.80 3.59 4.57
N ALA A 197 -26.02 3.91 3.30
CA ALA A 197 -25.28 3.24 2.21
C ALA A 197 -23.85 3.75 2.14
N ASN A 198 -23.60 4.93 2.71
CA ASN A 198 -22.28 5.53 2.55
C ASN A 198 -21.35 5.17 3.69
N PHE A 199 -20.05 5.31 3.46
CA PHE A 199 -19.02 4.99 4.45
C PHE A 199 -18.22 6.25 4.72
N VAL A 200 -17.91 6.46 5.99
CA VAL A 200 -17.16 7.65 6.41
C VAL A 200 -16.02 7.18 7.29
N GLY A 201 -14.85 7.76 7.07
CA GLY A 201 -13.63 7.35 7.74
C GLY A 201 -12.80 8.51 8.23
N ALA A 202 -11.96 8.23 9.24
CA ALA A 202 -11.02 9.23 9.76
C ALA A 202 -9.76 8.56 10.30
N GLY A 203 -8.64 9.22 10.11
CA GLY A 203 -7.39 8.72 10.67
C GLY A 203 -6.32 9.77 10.65
N ILE A 204 -5.14 9.40 11.16
CA ILE A 204 -4.01 10.28 11.21
C ILE A 204 -2.81 9.58 10.61
N ILE A 205 -2.13 10.27 9.70
CA ILE A 205 -0.89 9.76 9.11
C ILE A 205 0.23 10.15 10.05
N HIS A 206 1.01 9.16 10.49
CA HIS A 206 2.16 9.38 11.42
C HIS A 206 3.48 9.34 10.67
N THR A 207 4.19 10.47 10.67
CA THR A 207 5.54 10.57 10.14
C THR A 207 6.44 11.17 11.21
N LYS A 208 7.74 11.07 11.01
CA LYS A 208 8.67 11.50 12.03
C LYS A 208 8.54 13.00 12.30
N THR A 209 8.29 13.75 11.24
CA THR A 209 8.30 15.21 11.27
C THR A 209 6.94 15.88 11.37
N THR A 210 5.86 15.17 11.03
CA THR A 210 4.54 15.78 11.06
C THR A 210 3.49 14.70 11.02
N GLN A 211 2.28 15.07 11.44
CA GLN A 211 1.13 14.17 11.39
C GLN A 211 0.04 14.86 10.61
N ILE A 212 -0.70 14.11 9.79
CA ILE A 212 -1.76 14.68 8.96
C ILE A 212 -3.09 14.00 9.22
N GLY A 213 -4.09 14.79 9.62
CA GLY A 213 -5.43 14.29 9.85
C GLY A 213 -6.13 14.16 8.51
N CYS A 214 -6.75 13.01 8.31
CA CYS A 214 -7.42 12.69 7.04
C CYS A 214 -8.84 12.18 7.27
N LEU A 215 -9.75 12.68 6.45
CA LEU A 215 -11.17 12.30 6.48
C LEU A 215 -11.53 11.79 5.11
N LEU A 216 -12.46 10.83 5.07
CA LEU A 216 -12.85 10.27 3.79
C LEU A 216 -14.33 9.92 3.78
N ARG A 217 -14.89 9.91 2.58
CA ARG A 217 -16.28 9.53 2.38
C ARG A 217 -16.32 8.69 1.13
N LEU A 218 -16.94 7.52 1.24
CA LEU A 218 -17.08 6.60 0.11
C LEU A 218 -18.57 6.43 -0.13
N GLU A 219 -19.02 6.73 -1.36
CA GLU A 219 -20.42 6.72 -1.73
C GLU A 219 -20.62 5.70 -2.85
N PRO A 220 -21.23 4.55 -2.53
CA PRO A 220 -21.54 3.58 -3.56
C PRO A 220 -22.85 3.88 -4.28
N ASN A 221 -22.88 3.61 -5.58
CA ASN A 221 -24.13 3.55 -6.30
C ASN A 221 -24.21 2.11 -6.83
N LEU A 222 -24.95 1.29 -6.11
CA LEU A 222 -25.02 -0.13 -6.44
C LEU A 222 -25.71 -0.40 -7.77
N GLN A 223 -26.69 0.42 -8.13
CA GLN A 223 -27.37 0.29 -9.42
C GLN A 223 -26.41 0.53 -10.55
N ALA A 224 -25.56 1.55 -10.39
CA ALA A 224 -24.64 1.98 -11.44
C ALA A 224 -23.27 1.29 -11.39
N GLN A 225 -23.00 0.56 -10.30
CA GLN A 225 -21.74 -0.16 -10.10
C GLN A 225 -20.53 0.77 -10.04
N MET A 226 -20.75 1.93 -9.46
CA MET A 226 -19.70 2.94 -9.36
C MET A 226 -19.66 3.54 -7.96
N TYR A 227 -18.50 4.09 -7.63
CA TYR A 227 -18.26 4.78 -6.37
C TYR A 227 -17.80 6.22 -6.61
N ARG A 228 -18.06 7.09 -5.63
CA ARG A 228 -17.35 8.36 -5.55
C ARG A 228 -16.63 8.36 -4.22
N LEU A 229 -15.32 8.64 -4.24
CA LEU A 229 -14.53 8.72 -3.02
C LEU A 229 -14.08 10.15 -2.87
N THR A 230 -14.22 10.72 -1.67
CA THR A 230 -13.73 12.05 -1.36
C THR A 230 -12.72 11.94 -0.20
N LEU A 231 -11.55 12.51 -0.38
CA LEU A 231 -10.57 12.70 0.71
C LEU A 231 -10.47 14.14 1.03
N ARG A 232 -10.43 14.47 2.32
CA ARG A 232 -9.98 15.79 2.76
C ARG A 232 -8.86 15.63 3.77
N THR A 233 -7.77 16.34 3.55
CA THR A 233 -6.65 16.38 4.48
C THR A 233 -6.02 17.73 4.37
N SER A 234 -5.14 18.05 5.32
CA SER A 234 -4.53 19.38 5.30
C SER A 234 -3.46 19.54 4.24
N LYS A 235 -3.09 18.49 3.52
CA LYS A 235 -2.02 18.57 2.52
C LYS A 235 -2.45 17.99 1.20
N ASP A 236 -2.41 18.81 0.15
CA ASP A 236 -2.90 18.38 -1.17
C ASP A 236 -2.28 17.06 -1.66
N THR A 237 -0.97 16.90 -1.47
CA THR A 237 -0.28 15.69 -1.93
C THR A 237 -0.74 14.45 -1.16
N VAL A 238 -1.07 14.64 0.11
CA VAL A 238 -1.58 13.56 0.95
C VAL A 238 -2.99 13.20 0.51
N SER A 239 -3.83 14.19 0.25
CA SER A 239 -5.18 13.93 -0.25
C SER A 239 -5.12 13.16 -1.57
N GLN A 240 -4.25 13.62 -2.47
CA GLN A 240 -4.11 12.92 -3.74
C GLN A 240 -3.62 11.49 -3.58
N ARG A 241 -2.59 11.31 -2.78
CA ARG A 241 -2.00 9.98 -2.65
C ARG A 241 -2.96 9.01 -2.02
N LEU A 242 -3.61 9.42 -0.92
CA LEU A 242 -4.56 8.49 -0.29
C LEU A 242 -5.76 8.20 -1.19
N CYS A 243 -6.24 9.21 -1.90
CA CYS A 243 -7.38 9.02 -2.80
C CYS A 243 -7.03 8.03 -3.89
N GLU A 244 -5.84 8.15 -4.47
CA GLU A 244 -5.51 7.25 -5.59
C GLU A 244 -5.26 5.83 -5.11
N LEU A 245 -4.67 5.68 -3.93
CA LEU A 245 -4.47 4.34 -3.34
C LEU A 245 -5.77 3.69 -3.00
N LEU A 246 -6.61 4.41 -2.26
CA LEU A 246 -7.87 3.83 -1.81
C LEU A 246 -8.84 3.54 -2.97
N SER A 247 -8.78 4.34 -4.02
CA SER A 247 -9.64 4.16 -5.19
C SER A 247 -9.52 2.81 -5.86
N GLU A 248 -8.35 2.19 -5.71
CA GLU A 248 -8.07 0.94 -6.43
C GLU A 248 -8.51 -0.30 -5.65
N GLN A 249 -9.12 -0.09 -4.50
CA GLN A 249 -9.45 -1.20 -3.61
C GLN A 249 -10.86 -1.75 -3.72
N PHE A 250 -11.76 -1.09 -4.46
CA PHE A 250 -13.17 -1.45 -4.46
C PHE A 250 -13.69 -1.73 -5.85
N PRO B 2 8.00 -25.79 -2.50
CA PRO B 2 8.53 -26.71 -1.49
C PRO B 2 7.91 -26.56 -0.12
N LYS B 3 7.61 -27.68 0.52
CA LYS B 3 7.42 -27.69 1.96
C LYS B 3 8.74 -27.12 2.47
N GLY B 4 8.73 -26.60 3.68
CA GLY B 4 9.89 -25.96 4.23
C GLY B 4 9.84 -24.45 4.06
N TRP B 5 9.06 -23.95 3.08
CA TRP B 5 8.97 -22.49 2.85
C TRP B 5 7.88 -21.82 3.68
N VAL B 6 8.20 -20.60 4.11
CA VAL B 6 7.19 -19.67 4.61
C VAL B 6 6.20 -19.43 3.51
N THR B 7 4.92 -19.45 3.88
CA THR B 7 3.81 -19.25 2.96
C THR B 7 3.08 -17.96 3.25
N PHE B 8 2.17 -17.57 2.33
CA PHE B 8 1.57 -16.23 2.36
C PHE B 8 0.05 -16.24 2.16
N GLU B 9 -0.59 -17.34 2.53
CA GLU B 9 -2.04 -17.47 2.36
C GLU B 9 -2.79 -16.72 3.45
N PHE C 1 -22.63 17.13 4.19
CA PHE C 1 -21.74 17.25 3.00
C PHE C 1 -22.33 18.20 1.96
N GLU C 2 -21.52 18.71 1.04
CA GLU C 2 -21.96 19.74 0.09
C GLU C 2 -22.92 19.21 -0.98
N ASP C 3 -22.65 18.01 -1.49
CA ASP C 3 -23.51 17.36 -2.47
C ASP C 3 -23.35 15.84 -2.37
N ASN C 4 -24.23 15.12 -3.03
CA ASN C 4 -24.25 13.66 -2.98
C ASN C 4 -24.04 13.05 -4.35
N PHE C 5 -23.32 11.93 -4.37
CA PHE C 5 -23.08 11.21 -5.60
C PHE C 5 -24.38 10.65 -6.16
N VAL C 6 -25.23 10.13 -5.28
CA VAL C 6 -26.50 9.55 -5.66
C VAL C 6 -27.63 10.50 -5.23
N PRO C 7 -28.33 11.10 -6.21
CA PRO C 7 -29.55 11.89 -5.96
C PRO C 7 -30.61 11.12 -5.19
#